data_3CRY
#
_entry.id   3CRY
#
_cell.length_a   34.828
_cell.length_b   98.135
_cell.length_c   100.499
_cell.angle_alpha   90.00
_cell.angle_beta   90.00
_cell.angle_gamma   90.00
#
_symmetry.space_group_name_H-M   'P 21 21 21'
#
loop_
_entity.id
_entity.type
_entity.pdbx_description
1 polymer 'Gamma-glutamyl cyclotransferase'
2 non-polymer 'ACETATE ION'
3 water water
#
_entity_poly.entity_id   1
_entity_poly.type   'polypeptide(L)'
_entity_poly.pdbx_seq_one_letter_code
;MANSGCKDVTGPDEESFLYFAYGSNLLTERIHLRNPSAAFFCVARLQDFKLDFGNSQGKTSQTWHGGIATIFQSPGDEVW
GVVWKMNKSNLNSLDEQQGVKSGMYVVIEVKVATQEGKEITCRSYLMTNYESAPPSPQYKKIICMGAKENGLPLEYQEKL
KAIEPNDYTGKVSEEIEDIIKKGETQTL
;
_entity_poly.pdbx_strand_id   A,B
#
loop_
_chem_comp.id
_chem_comp.type
_chem_comp.name
_chem_comp.formula
ACT non-polymer 'ACETATE ION' 'C2 H3 O2 -1'
#
# COMPACT_ATOMS: atom_id res chain seq x y z
N GLU A 14 -19.80 7.66 -7.63
CA GLU A 14 -19.62 9.04 -8.19
C GLU A 14 -18.79 9.03 -9.48
N GLU A 15 -18.86 10.14 -10.21
CA GLU A 15 -18.13 10.36 -11.45
C GLU A 15 -16.63 10.60 -11.17
N SER A 16 -16.31 11.01 -9.92
CA SER A 16 -14.96 11.47 -9.57
C SER A 16 -14.30 10.71 -8.43
N PHE A 17 -12.98 10.88 -8.32
CA PHE A 17 -12.26 10.37 -7.16
C PHE A 17 -11.22 11.41 -6.74
N LEU A 18 -10.73 11.28 -5.52
CA LEU A 18 -9.72 12.22 -4.99
C LEU A 18 -8.38 11.51 -4.91
N TYR A 19 -7.32 12.23 -5.30
CA TYR A 19 -5.96 11.68 -5.40
C TYR A 19 -5.03 12.55 -4.54
N PHE A 20 -4.30 11.91 -3.61
CA PHE A 20 -3.39 12.63 -2.72
C PHE A 20 -1.95 12.52 -3.25
N ALA A 21 -1.43 13.66 -3.71
CA ALA A 21 -0.06 13.75 -4.23
C ALA A 21 0.92 14.34 -3.22
N TYR A 22 2.09 13.71 -3.09
CA TYR A 22 3.13 14.21 -2.18
C TYR A 22 4.52 14.41 -2.82
N GLY A 23 4.65 14.07 -4.10
CA GLY A 23 5.92 14.13 -4.84
C GLY A 23 5.83 15.13 -5.99
N SER A 24 6.28 14.74 -7.19
CA SER A 24 6.33 15.71 -8.32
C SER A 24 4.93 16.11 -8.76
N ASN A 25 3.93 15.29 -8.43
CA ASN A 25 2.53 15.69 -8.72
C ASN A 25 1.97 16.82 -7.80
N LEU A 26 2.79 17.33 -6.88
CA LEU A 26 2.48 18.58 -6.20
C LEU A 26 2.42 19.77 -7.17
N LEU A 27 3.14 19.69 -8.29
CA LEU A 27 3.22 20.80 -9.26
C LEU A 27 2.15 20.68 -10.34
N THR A 28 1.34 21.72 -10.48
CA THR A 28 0.19 21.67 -11.42
C THR A 28 0.63 21.37 -12.86
N GLU A 29 1.68 22.04 -13.34
CA GLU A 29 2.14 21.78 -14.70
CA GLU A 29 2.13 21.78 -14.71
C GLU A 29 2.67 20.35 -14.91
N ARG A 30 3.23 19.77 -13.85
CA ARG A 30 3.73 18.40 -13.93
CA ARG A 30 3.73 18.40 -13.90
C ARG A 30 2.57 17.41 -13.99
N ILE A 31 1.62 17.50 -13.06
CA ILE A 31 0.52 16.53 -13.08
C ILE A 31 -0.30 16.64 -14.38
N HIS A 32 -0.42 17.86 -14.90
CA HIS A 32 -1.20 18.07 -16.14
C HIS A 32 -0.57 17.50 -17.42
N LEU A 33 0.72 17.22 -17.39
CA LEU A 33 1.37 16.58 -18.57
C LEU A 33 0.67 15.30 -19.03
N ARG A 34 0.34 14.44 -18.07
N ARG A 34 0.34 14.41 -18.09
CA ARG A 34 -0.32 13.16 -18.34
CA ARG A 34 -0.39 13.20 -18.43
C ARG A 34 -1.72 13.04 -17.70
C ARG A 34 -1.84 13.21 -17.92
N ASN A 35 -2.12 14.06 -16.93
CA ASN A 35 -3.46 14.15 -16.35
C ASN A 35 -4.08 15.53 -16.51
N PRO A 36 -4.31 15.96 -17.78
CA PRO A 36 -4.68 17.37 -18.00
C PRO A 36 -6.00 17.83 -17.37
N SER A 37 -6.90 16.92 -17.05
CA SER A 37 -8.18 17.36 -16.46
C SER A 37 -8.22 17.34 -14.92
N ALA A 38 -7.12 16.92 -14.28
CA ALA A 38 -6.99 17.00 -12.82
C ALA A 38 -7.28 18.44 -12.35
N ALA A 39 -8.05 18.56 -11.28
CA ALA A 39 -8.37 19.87 -10.73
C ALA A 39 -7.95 19.95 -9.26
N PHE A 40 -7.31 21.06 -8.88
CA PHE A 40 -6.96 21.28 -7.47
C PHE A 40 -8.21 21.20 -6.60
N PHE A 41 -8.12 20.43 -5.52
CA PHE A 41 -9.22 20.26 -4.56
C PHE A 41 -8.90 20.89 -3.21
N CYS A 42 -7.80 20.48 -2.58
CA CYS A 42 -7.35 21.13 -1.33
C CYS A 42 -5.96 20.66 -0.93
N VAL A 43 -5.36 21.38 0.04
CA VAL A 43 -4.14 20.97 0.71
C VAL A 43 -4.56 20.10 1.90
N ALA A 44 -3.79 19.06 2.17
CA ALA A 44 -4.14 18.16 3.28
C ALA A 44 -2.93 17.49 3.92
N ARG A 45 -3.13 17.04 5.17
CA ARG A 45 -2.06 16.41 5.96
C ARG A 45 -2.34 14.92 6.17
N LEU A 46 -1.35 14.08 5.86
CA LEU A 46 -1.41 12.67 6.19
C LEU A 46 -0.66 12.44 7.51
N GLN A 47 -1.43 12.07 8.53
CA GLN A 47 -0.87 11.84 9.87
C GLN A 47 -0.16 10.48 9.94
N ASP A 48 0.96 10.42 10.66
CA ASP A 48 1.65 9.17 10.99
C ASP A 48 2.25 8.46 9.77
N PHE A 49 2.71 9.25 8.80
CA PHE A 49 3.55 8.76 7.70
C PHE A 49 4.76 9.68 7.58
N LYS A 50 5.83 9.15 6.98
CA LYS A 50 7.08 9.90 6.77
C LYS A 50 7.47 9.84 5.31
N LEU A 51 7.98 10.95 4.78
CA LEU A 51 8.42 11.04 3.38
C LEU A 51 9.85 10.45 3.23
N ASP A 52 10.08 9.71 2.16
CA ASP A 52 11.40 9.15 1.88
C ASP A 52 11.60 9.21 0.36
N PHE A 53 12.81 8.92 -0.09
CA PHE A 53 13.14 8.85 -1.52
C PHE A 53 13.92 7.60 -1.79
N GLY A 54 13.63 6.94 -2.91
CA GLY A 54 14.38 5.73 -3.23
C GLY A 54 14.25 5.22 -4.64
N ASN A 55 14.94 4.11 -4.84
CA ASN A 55 14.99 3.41 -6.11
C ASN A 55 14.12 2.17 -5.99
N SER A 56 12.93 2.22 -6.58
CA SER A 56 11.99 1.12 -6.41
C SER A 56 12.51 -0.09 -7.17
N GLN A 57 12.44 -1.27 -6.54
CA GLN A 57 12.95 -2.51 -7.16
C GLN A 57 14.45 -2.36 -7.51
N GLY A 58 15.13 -1.47 -6.79
CA GLY A 58 16.57 -1.22 -6.99
C GLY A 58 16.89 -0.45 -8.27
N LYS A 59 15.88 0.09 -8.94
CA LYS A 59 16.09 0.70 -10.26
C LYS A 59 16.11 2.20 -10.11
N THR A 60 17.09 2.85 -10.74
CA THR A 60 17.13 4.32 -10.75
C THR A 60 16.25 4.88 -11.87
N SER A 61 15.31 5.74 -11.47
CA SER A 61 14.42 6.38 -12.42
C SER A 61 15.21 7.03 -13.54
N GLN A 62 14.89 6.67 -14.77
CA GLN A 62 15.61 7.29 -15.88
C GLN A 62 14.97 8.61 -16.31
N THR A 63 13.79 8.92 -15.80
CA THR A 63 13.16 10.22 -15.97
C THR A 63 13.86 11.25 -15.07
N TRP A 64 14.10 10.86 -13.82
CA TRP A 64 14.55 11.80 -12.79
C TRP A 64 16.03 11.66 -12.40
N HIS A 65 16.63 10.51 -12.66
CA HIS A 65 18.04 10.30 -12.33
C HIS A 65 18.40 10.46 -10.83
N GLY A 66 17.49 9.99 -9.97
CA GLY A 66 17.69 9.99 -8.52
C GLY A 66 16.53 9.26 -7.87
N GLY A 67 16.55 9.19 -6.55
CA GLY A 67 15.46 8.54 -5.79
C GLY A 67 14.16 9.29 -6.01
N ILE A 68 13.06 8.55 -6.12
CA ILE A 68 11.75 9.22 -6.27
C ILE A 68 10.92 9.03 -4.97
N ALA A 69 9.86 9.81 -4.85
CA ALA A 69 9.21 9.96 -3.56
C ALA A 69 8.39 8.73 -3.16
N THR A 70 8.44 8.42 -1.87
CA THR A 70 7.55 7.40 -1.29
C THR A 70 7.20 7.79 0.15
N ILE A 71 6.25 7.07 0.75
CA ILE A 71 5.85 7.34 2.15
C ILE A 71 5.74 6.00 2.87
N PHE A 72 5.95 6.02 4.18
CA PHE A 72 5.77 4.80 4.97
C PHE A 72 5.23 5.14 6.35
N GLN A 73 4.57 4.18 6.99
CA GLN A 73 3.95 4.44 8.30
C GLN A 73 4.98 4.68 9.40
N SER A 74 4.79 5.78 10.14
CA SER A 74 5.73 6.23 11.16
C SER A 74 4.98 7.07 12.19
N PRO A 75 4.61 6.48 13.35
CA PRO A 75 3.82 7.22 14.33
C PRO A 75 4.47 8.55 14.73
N GLY A 76 3.69 9.63 14.71
CA GLY A 76 4.22 10.94 15.14
C GLY A 76 4.75 11.84 14.03
N ASP A 77 5.04 11.24 12.88
CA ASP A 77 5.48 11.99 11.70
C ASP A 77 4.28 12.45 10.86
N GLU A 78 4.50 13.30 9.86
CA GLU A 78 3.39 13.66 8.99
C GLU A 78 3.92 14.02 7.60
N VAL A 79 3.03 13.91 6.63
CA VAL A 79 3.33 14.28 5.24
C VAL A 79 2.21 15.20 4.76
N TRP A 80 2.59 16.38 4.24
CA TRP A 80 1.61 17.28 3.61
C TRP A 80 1.60 17.07 2.10
N GLY A 81 0.42 17.25 1.50
CA GLY A 81 0.34 17.09 0.06
C GLY A 81 -0.86 17.84 -0.50
N VAL A 82 -1.10 17.61 -1.79
CA VAL A 82 -2.20 18.24 -2.53
C VAL A 82 -3.19 17.16 -2.91
N VAL A 83 -4.46 17.42 -2.63
CA VAL A 83 -5.56 16.56 -3.08
C VAL A 83 -6.06 17.09 -4.42
N TRP A 84 -6.03 16.21 -5.42
CA TRP A 84 -6.55 16.48 -6.76
C TRP A 84 -7.87 15.76 -7.00
N LYS A 85 -8.83 16.46 -7.63
CA LYS A 85 -10.08 15.81 -8.06
C LYS A 85 -9.92 15.38 -9.51
N MET A 86 -10.18 14.10 -9.75
CA MET A 86 -10.02 13.51 -11.09
C MET A 86 -11.25 12.70 -11.49
N ASN A 87 -11.47 12.54 -12.79
CA ASN A 87 -12.56 11.67 -13.26
CA ASN A 87 -12.56 11.68 -13.25
C ASN A 87 -12.21 10.19 -13.10
N LYS A 88 -13.20 9.38 -12.72
CA LYS A 88 -12.95 7.94 -12.53
C LYS A 88 -12.45 7.25 -13.81
N SER A 89 -12.77 7.83 -14.97
CA SER A 89 -12.20 7.37 -16.26
C SER A 89 -10.66 7.42 -16.34
N ASN A 90 -10.01 8.10 -15.40
N ASN A 90 -10.06 8.13 -15.37
CA ASN A 90 -8.56 8.19 -15.44
CA ASN A 90 -8.63 8.41 -15.27
C ASN A 90 -7.83 7.40 -14.35
C ASN A 90 -7.86 7.36 -14.43
N LEU A 91 -8.57 6.55 -13.64
CA LEU A 91 -8.00 5.58 -12.69
CA LEU A 91 -7.96 5.62 -12.70
C LEU A 91 -6.90 4.70 -13.30
N ASN A 92 -7.24 3.98 -14.38
CA ASN A 92 -6.27 3.11 -15.02
C ASN A 92 -5.02 3.83 -15.52
N SER A 93 -5.21 5.03 -16.05
CA SER A 93 -4.09 5.83 -16.54
C SER A 93 -3.12 6.23 -15.43
N LEU A 94 -3.68 6.68 -14.30
CA LEU A 94 -2.86 7.11 -13.16
C LEU A 94 -2.03 5.94 -12.63
N ASP A 95 -2.67 4.77 -12.51
CA ASP A 95 -1.97 3.54 -12.13
C ASP A 95 -0.80 3.24 -13.06
N GLU A 96 -1.04 3.32 -14.37
CA GLU A 96 -0.01 3.05 -15.37
CA GLU A 96 0.00 3.05 -15.38
C GLU A 96 1.17 4.01 -15.22
N GLN A 97 0.87 5.27 -14.95
CA GLN A 97 1.91 6.29 -14.74
C GLN A 97 2.85 5.96 -13.59
N GLN A 98 2.31 5.30 -12.55
CA GLN A 98 3.06 4.99 -11.35
C GLN A 98 3.73 3.61 -11.43
N GLY A 99 3.64 2.95 -12.59
CA GLY A 99 4.34 1.67 -12.81
C GLY A 99 3.88 0.57 -11.85
N VAL A 100 2.59 0.59 -11.51
CA VAL A 100 2.04 -0.42 -10.60
C VAL A 100 2.31 -1.83 -11.15
N LYS A 101 2.10 -2.01 -12.45
CA LYS A 101 2.28 -3.35 -13.03
C LYS A 101 3.72 -3.86 -13.04
N SER A 102 4.70 -2.94 -12.99
CA SER A 102 6.11 -3.35 -12.90
C SER A 102 6.62 -3.35 -11.45
N GLY A 103 5.70 -3.15 -10.50
CA GLY A 103 6.03 -3.29 -9.10
C GLY A 103 6.63 -2.04 -8.49
N MET A 104 6.48 -0.90 -9.18
CA MET A 104 7.15 0.32 -8.71
C MET A 104 6.45 0.95 -7.50
N TYR A 105 5.13 1.03 -7.58
CA TYR A 105 4.27 1.51 -6.49
C TYR A 105 3.07 0.59 -6.38
N VAL A 106 2.46 0.57 -5.20
CA VAL A 106 1.17 -0.06 -4.99
C VAL A 106 0.12 1.02 -4.76
N VAL A 107 -1.13 0.76 -5.18
CA VAL A 107 -2.24 1.65 -4.88
C VAL A 107 -2.63 1.54 -3.41
N ILE A 108 -2.75 2.67 -2.74
CA ILE A 108 -3.26 2.71 -1.34
C ILE A 108 -4.51 3.57 -1.21
N GLU A 109 -5.21 3.43 -0.08
CA GLU A 109 -6.27 4.38 0.29
C GLU A 109 -5.77 5.02 1.58
N VAL A 110 -5.87 6.34 1.67
CA VAL A 110 -5.49 7.05 2.89
C VAL A 110 -6.56 8.04 3.31
N LYS A 111 -6.59 8.36 4.60
CA LYS A 111 -7.49 9.39 5.09
C LYS A 111 -6.61 10.56 5.54
N VAL A 112 -6.90 11.72 4.97
CA VAL A 112 -6.10 12.93 5.22
C VAL A 112 -6.98 14.02 5.82
N ALA A 113 -6.34 15.00 6.46
CA ALA A 113 -7.05 16.07 7.17
C ALA A 113 -6.77 17.40 6.51
N THR A 114 -7.82 18.16 6.20
CA THR A 114 -7.67 19.50 5.64
C THR A 114 -7.22 20.45 6.75
N GLN A 115 -6.87 21.68 6.38
CA GLN A 115 -6.48 22.69 7.36
C GLN A 115 -7.69 23.18 8.20
N GLU A 116 -8.89 22.67 7.90
CA GLU A 116 -10.05 22.92 8.78
C GLU A 116 -10.43 21.67 9.57
N GLY A 117 -9.54 20.67 9.53
CA GLY A 117 -9.72 19.43 10.28
C GLY A 117 -10.81 18.50 9.76
N LYS A 118 -11.19 18.66 8.50
CA LYS A 118 -12.13 17.75 7.84
C LYS A 118 -11.35 16.56 7.26
N GLU A 119 -11.85 15.35 7.51
CA GLU A 119 -11.22 14.15 6.97
C GLU A 119 -11.70 13.86 5.54
N ILE A 120 -10.75 13.47 4.69
CA ILE A 120 -10.99 13.18 3.28
CA ILE A 120 -11.01 13.17 3.29
C ILE A 120 -10.41 11.81 2.94
N THR A 121 -11.17 10.98 2.22
CA THR A 121 -10.63 9.68 1.76
C THR A 121 -10.04 9.79 0.35
N CYS A 122 -8.76 9.41 0.21
CA CYS A 122 -8.04 9.57 -1.06
C CYS A 122 -7.34 8.32 -1.58
N ARG A 123 -7.24 8.22 -2.90
CA ARG A 123 -6.30 7.28 -3.54
C ARG A 123 -4.89 7.89 -3.48
N SER A 124 -3.89 7.04 -3.22
CA SER A 124 -2.49 7.44 -3.34
C SER A 124 -1.66 6.22 -3.72
N TYR A 125 -0.33 6.32 -3.57
CA TYR A 125 0.64 5.31 -4.01
C TYR A 125 1.82 5.34 -3.08
N LEU A 126 2.38 4.17 -2.82
CA LEU A 126 3.70 4.11 -2.17
C LEU A 126 4.51 2.89 -2.62
N MET A 127 5.84 2.93 -2.39
CA MET A 127 6.72 1.82 -2.80
C MET A 127 6.69 0.73 -1.71
N THR A 128 6.73 -0.54 -2.12
CA THR A 128 6.79 -1.64 -1.15
C THR A 128 8.12 -2.37 -1.11
N ASN A 129 8.98 -2.10 -2.11
CA ASN A 129 10.25 -2.77 -2.22
C ASN A 129 11.21 -1.78 -2.87
N TYR A 130 12.01 -1.11 -2.04
CA TYR A 130 12.93 -0.09 -2.60
C TYR A 130 14.19 0.08 -1.79
N GLU A 131 15.19 0.74 -2.40
CA GLU A 131 16.43 1.12 -1.72
C GLU A 131 16.47 2.65 -1.57
N SER A 132 16.64 3.14 -0.33
CA SER A 132 16.63 4.57 -0.07
CA SER A 132 16.65 4.57 -0.04
C SER A 132 17.76 5.24 -0.85
N ALA A 133 17.46 6.39 -1.47
CA ALA A 133 18.44 7.13 -2.28
C ALA A 133 17.98 8.56 -2.49
N PRO A 134 18.92 9.53 -2.40
CA PRO A 134 18.52 10.93 -2.53
C PRO A 134 17.94 11.31 -3.90
N PRO A 135 17.01 12.29 -3.91
CA PRO A 135 16.45 12.73 -5.17
C PRO A 135 17.45 13.57 -5.97
N SER A 136 17.26 13.64 -7.28
CA SER A 136 18.04 14.58 -8.10
C SER A 136 17.68 16.04 -7.79
N PRO A 137 18.60 16.99 -8.06
CA PRO A 137 18.22 18.39 -7.91
C PRO A 137 16.96 18.77 -8.68
N GLN A 138 16.81 18.26 -9.91
CA GLN A 138 15.65 18.58 -10.73
C GLN A 138 14.33 18.09 -10.09
N TYR A 139 14.35 16.88 -9.58
CA TYR A 139 13.16 16.35 -8.91
C TYR A 139 12.83 17.12 -7.64
N LYS A 140 13.84 17.41 -6.82
CA LYS A 140 13.64 18.26 -5.64
C LYS A 140 13.03 19.62 -6.04
N LYS A 141 13.59 20.24 -7.08
CA LYS A 141 13.11 21.55 -7.51
CA LYS A 141 13.11 21.55 -7.50
C LYS A 141 11.63 21.51 -7.86
N ILE A 142 11.22 20.51 -8.63
CA ILE A 142 9.79 20.37 -9.01
C ILE A 142 8.89 20.21 -7.77
N ILE A 143 9.32 19.38 -6.81
CA ILE A 143 8.60 19.20 -5.55
C ILE A 143 8.47 20.52 -4.79
N CYS A 144 9.59 21.24 -4.66
CA CYS A 144 9.56 22.52 -3.94
C CYS A 144 8.67 23.56 -4.63
N MET A 145 8.73 23.59 -5.96
CA MET A 145 7.88 24.49 -6.76
C MET A 145 6.40 24.21 -6.54
N GLY A 146 6.06 22.92 -6.58
CA GLY A 146 4.65 22.50 -6.39
C GLY A 146 4.16 22.84 -4.99
N ALA A 147 5.03 22.62 -3.99
CA ALA A 147 4.65 22.89 -2.60
C ALA A 147 4.33 24.38 -2.41
N LYS A 148 5.14 25.22 -3.04
CA LYS A 148 4.95 26.67 -2.92
C LYS A 148 3.71 27.13 -3.69
N GLU A 149 3.59 26.68 -4.93
CA GLU A 149 2.47 27.05 -5.82
C GLU A 149 1.11 26.72 -5.21
N ASN A 150 1.02 25.55 -4.61
CA ASN A 150 -0.27 25.05 -4.11
C ASN A 150 -0.52 25.27 -2.63
N GLY A 151 0.32 26.08 -1.98
CA GLY A 151 0.06 26.57 -0.62
C GLY A 151 0.24 25.57 0.51
N LEU A 152 1.22 24.67 0.43
CA LEU A 152 1.51 23.81 1.59
C LEU A 152 2.06 24.70 2.74
N PRO A 153 1.88 24.28 4.01
CA PRO A 153 2.36 25.11 5.13
C PRO A 153 3.83 25.49 4.99
N LEU A 154 4.16 26.75 5.34
CA LEU A 154 5.51 27.23 5.08
C LEU A 154 6.57 26.42 5.82
N GLU A 155 6.23 25.91 7.00
CA GLU A 155 7.20 25.10 7.72
CA GLU A 155 7.17 25.08 7.75
C GLU A 155 7.43 23.74 7.07
N TYR A 156 6.41 23.20 6.41
CA TYR A 156 6.61 21.97 5.63
C TYR A 156 7.46 22.28 4.39
N GLN A 157 7.23 23.42 3.75
CA GLN A 157 8.08 23.86 2.65
C GLN A 157 9.57 23.94 3.05
N GLU A 158 9.85 24.42 4.27
CA GLU A 158 11.22 24.45 4.79
C GLU A 158 11.83 23.05 4.93
N LYS A 159 11.04 22.08 5.38
CA LYS A 159 11.46 20.69 5.43
C LYS A 159 11.82 20.16 4.03
N LEU A 160 10.96 20.43 3.03
CA LEU A 160 11.28 20.01 1.65
C LEU A 160 12.57 20.66 1.13
N LYS A 161 12.74 21.94 1.42
CA LYS A 161 13.93 22.66 0.99
C LYS A 161 15.20 22.15 1.68
N ALA A 162 15.04 21.53 2.85
CA ALA A 162 16.15 20.98 3.62
C ALA A 162 16.62 19.63 3.08
N ILE A 163 15.91 19.06 2.11
CA ILE A 163 16.30 17.74 1.58
C ILE A 163 17.65 17.80 0.87
N GLU A 164 18.56 16.89 1.17
CA GLU A 164 19.86 16.89 0.49
C GLU A 164 19.76 16.06 -0.81
N PRO A 165 19.97 16.71 -1.97
CA PRO A 165 19.83 15.99 -3.26
C PRO A 165 21.10 15.21 -3.57
N ASN A 166 21.04 14.38 -4.61
CA ASN A 166 22.27 13.80 -5.13
C ASN A 166 23.02 14.85 -5.98
N ASP A 167 24.09 14.43 -6.65
CA ASP A 167 24.89 15.37 -7.44
C ASP A 167 24.65 15.25 -8.96
N TYR A 168 23.44 14.84 -9.37
CA TYR A 168 23.12 14.77 -10.79
C TYR A 168 23.04 16.16 -11.45
N THR A 169 23.94 16.44 -12.37
CA THR A 169 23.93 17.72 -13.08
C THR A 169 23.91 17.48 -14.60
N GLY A 170 23.52 16.26 -14.98
CA GLY A 170 23.40 15.90 -16.38
C GLY A 170 22.14 16.47 -17.02
N LYS A 171 21.93 16.06 -18.27
CA LYS A 171 20.71 16.33 -19.03
C LYS A 171 19.44 15.79 -18.37
N VAL A 172 18.35 16.56 -18.39
CA VAL A 172 17.00 15.96 -18.19
C VAL A 172 16.10 16.23 -19.40
N SER A 173 14.92 15.61 -19.44
CA SER A 173 13.98 15.83 -20.55
C SER A 173 13.69 17.32 -20.77
N GLU A 174 13.54 17.70 -22.04
CA GLU A 174 13.22 19.10 -22.40
CA GLU A 174 13.23 19.09 -22.42
C GLU A 174 12.02 19.61 -21.63
N GLU A 175 11.00 18.77 -21.46
CA GLU A 175 9.78 19.18 -20.75
C GLU A 175 10.05 19.58 -19.30
N ILE A 176 10.86 18.78 -18.60
CA ILE A 176 11.25 19.06 -17.22
C ILE A 176 12.05 20.37 -17.14
N GLU A 177 13.04 20.48 -18.02
CA GLU A 177 13.94 21.64 -18.02
C GLU A 177 13.25 22.99 -18.23
N ASP A 178 12.22 22.98 -19.06
CA ASP A 178 11.46 24.21 -19.36
C ASP A 178 10.65 24.66 -18.15
N ILE A 179 9.93 23.71 -17.55
CA ILE A 179 9.23 23.94 -16.28
C ILE A 179 10.18 24.56 -15.26
N ILE A 180 11.32 23.90 -15.05
CA ILE A 180 12.36 24.39 -14.12
C ILE A 180 12.89 25.79 -14.46
N LYS A 181 13.06 26.06 -15.77
CA LYS A 181 13.68 27.32 -16.24
C LYS A 181 13.15 28.62 -15.61
N LYS A 182 11.83 28.76 -15.47
CA LYS A 182 11.27 29.95 -14.86
C LYS A 182 11.38 29.93 -13.33
N GLU B 15 -23.32 -1.70 -3.21
CA GLU B 15 -23.31 -1.70 -1.72
C GLU B 15 -22.38 -2.79 -1.13
N SER B 16 -21.64 -3.48 -2.00
CA SER B 16 -20.67 -4.49 -1.57
C SER B 16 -19.25 -4.13 -2.01
N PHE B 17 -18.27 -4.75 -1.36
CA PHE B 17 -16.90 -4.70 -1.87
C PHE B 17 -16.24 -6.06 -1.75
N LEU B 18 -15.12 -6.23 -2.46
CA LEU B 18 -14.37 -7.49 -2.39
C LEU B 18 -13.07 -7.29 -1.62
N TYR B 19 -12.77 -8.26 -0.76
CA TYR B 19 -11.61 -8.25 0.15
C TYR B 19 -10.73 -9.46 -0.14
N PHE B 20 -9.45 -9.22 -0.42
CA PHE B 20 -8.50 -10.32 -0.69
C PHE B 20 -7.69 -10.59 0.57
N ALA B 21 -7.94 -11.75 1.16
CA ALA B 21 -7.28 -12.20 2.38
C ALA B 21 -6.18 -13.17 2.05
N TYR B 22 -5.01 -12.99 2.67
CA TYR B 22 -3.90 -13.94 2.46
C TYR B 22 -3.27 -14.45 3.78
N GLY B 23 -3.78 -13.96 4.92
CA GLY B 23 -3.28 -14.37 6.25
C GLY B 23 -4.32 -15.19 6.99
N SER B 24 -4.60 -14.85 8.24
CA SER B 24 -5.48 -15.72 9.03
C SER B 24 -6.93 -15.68 8.59
N ASN B 25 -7.31 -14.66 7.81
CA ASN B 25 -8.68 -14.62 7.27
C ASN B 25 -8.87 -15.56 6.06
N LEU B 26 -7.85 -16.35 5.73
CA LEU B 26 -8.09 -17.48 4.82
C LEU B 26 -9.14 -18.46 5.42
N LEU B 27 -9.20 -18.53 6.75
CA LEU B 27 -10.13 -19.51 7.43
C LEU B 27 -11.48 -18.89 7.71
N THR B 28 -12.53 -19.53 7.19
CA THR B 28 -13.92 -19.04 7.31
C THR B 28 -14.31 -18.77 8.76
N GLU B 29 -14.05 -19.73 9.65
CA GLU B 29 -14.41 -19.52 11.06
C GLU B 29 -13.68 -18.31 11.69
N ARG B 30 -12.43 -18.07 11.25
CA ARG B 30 -11.64 -16.95 11.78
CA ARG B 30 -11.62 -16.97 11.75
C ARG B 30 -12.18 -15.61 11.30
N ILE B 31 -12.43 -15.47 9.99
CA ILE B 31 -12.93 -14.19 9.47
C ILE B 31 -14.32 -13.89 10.06
N HIS B 32 -15.09 -14.95 10.32
CA HIS B 32 -16.46 -14.78 10.82
C HIS B 32 -16.54 -14.34 12.28
N LEU B 33 -15.42 -14.40 13.02
CA LEU B 33 -15.43 -13.98 14.43
C LEU B 33 -15.86 -12.52 14.54
N ARG B 34 -15.25 -11.65 13.72
CA ARG B 34 -15.55 -10.20 13.72
C ARG B 34 -16.28 -9.70 12.46
N ASN B 35 -16.32 -10.55 11.43
CA ASN B 35 -17.03 -10.25 10.18
C ASN B 35 -17.99 -11.38 9.82
N PRO B 36 -19.02 -11.60 10.65
CA PRO B 36 -19.94 -12.73 10.40
C PRO B 36 -20.67 -12.78 9.04
N SER B 37 -20.87 -11.63 8.40
CA SER B 37 -21.60 -11.60 7.12
C SER B 37 -20.70 -11.78 5.88
N ALA B 38 -19.38 -11.86 6.08
CA ALA B 38 -18.45 -12.11 4.96
C ALA B 38 -18.86 -13.36 4.21
N ALA B 39 -18.87 -13.30 2.88
CA ALA B 39 -19.26 -14.46 2.09
C ALA B 39 -18.15 -14.85 1.12
N PHE B 40 -17.82 -16.15 1.09
CA PHE B 40 -16.82 -16.64 0.12
C PHE B 40 -17.15 -16.20 -1.31
N PHE B 41 -16.17 -15.62 -2.02
CA PHE B 41 -16.38 -15.19 -3.40
C PHE B 41 -15.61 -16.12 -4.34
N CYS B 42 -14.28 -16.17 -4.22
CA CYS B 42 -13.44 -17.09 -5.02
C CYS B 42 -12.00 -17.11 -4.49
N VAL B 43 -11.22 -18.10 -4.91
CA VAL B 43 -9.77 -18.15 -4.68
C VAL B 43 -9.14 -17.36 -5.83
N ALA B 44 -8.07 -16.64 -5.53
CA ALA B 44 -7.41 -15.88 -6.57
C ALA B 44 -5.92 -15.74 -6.33
N ARG B 45 -5.21 -15.43 -7.40
CA ARG B 45 -3.76 -15.28 -7.35
C ARG B 45 -3.36 -13.80 -7.52
N LEU B 46 -2.50 -13.34 -6.62
CA LEU B 46 -1.89 -12.02 -6.72
C LEU B 46 -0.49 -12.14 -7.28
N GLN B 47 -0.34 -11.72 -8.53
CA GLN B 47 0.89 -11.89 -9.27
C GLN B 47 1.94 -10.84 -8.89
N ASP B 48 3.20 -11.26 -8.84
CA ASP B 48 4.34 -10.35 -8.61
C ASP B 48 4.30 -9.69 -7.23
N PHE B 49 3.82 -10.46 -6.26
CA PHE B 49 4.02 -10.17 -4.82
C PHE B 49 4.61 -11.39 -4.12
N LYS B 50 5.36 -11.16 -3.04
CA LYS B 50 5.96 -12.21 -2.19
C LYS B 50 5.37 -12.13 -0.78
N LEU B 51 5.01 -13.28 -0.22
CA LEU B 51 4.54 -13.39 1.15
C LEU B 51 5.72 -13.29 2.15
N ASP B 52 5.54 -12.49 3.20
CA ASP B 52 6.51 -12.41 4.30
C ASP B 52 5.76 -12.42 5.63
N PHE B 53 6.51 -12.51 6.73
CA PHE B 53 5.95 -12.41 8.06
C PHE B 53 6.82 -11.46 8.86
N GLY B 54 6.18 -10.63 9.67
CA GLY B 54 6.93 -9.59 10.36
C GLY B 54 6.26 -8.93 11.55
N ASN B 55 7.06 -8.08 12.19
CA ASN B 55 6.64 -7.31 13.36
C ASN B 55 6.47 -5.85 12.96
N SER B 56 5.22 -5.40 12.89
CA SER B 56 5.00 -4.03 12.47
CA SER B 56 4.87 -4.01 12.55
C SER B 56 5.56 -3.08 13.51
N GLN B 57 6.23 -2.04 13.00
CA GLN B 57 6.92 -1.03 13.81
C GLN B 57 7.88 -1.68 14.82
N GLY B 58 8.38 -2.86 14.46
CA GLY B 58 9.32 -3.62 15.27
C GLY B 58 8.73 -4.24 16.52
N LYS B 59 7.41 -4.22 16.65
CA LYS B 59 6.72 -4.77 17.82
C LYS B 59 6.01 -6.09 17.51
N THR B 60 6.26 -7.11 18.33
CA THR B 60 5.60 -8.42 18.18
C THR B 60 4.10 -8.37 18.53
N SER B 61 3.29 -8.93 17.64
CA SER B 61 1.85 -9.09 17.89
C SER B 61 1.58 -9.81 19.20
N GLN B 62 0.80 -9.21 20.10
CA GLN B 62 0.43 -9.91 21.33
C GLN B 62 -0.78 -10.84 21.20
N THR B 63 -1.47 -10.77 20.06
CA THR B 63 -2.51 -11.74 19.72
C THR B 63 -1.87 -13.04 19.27
N TRP B 64 -0.85 -12.92 18.41
CA TRP B 64 -0.33 -14.08 17.72
C TRP B 64 1.04 -14.54 18.23
N HIS B 65 1.74 -13.68 18.97
CA HIS B 65 3.03 -14.03 19.55
C HIS B 65 4.10 -14.47 18.53
N GLY B 66 4.04 -13.84 17.35
CA GLY B 66 5.03 -14.10 16.29
C GLY B 66 4.77 -13.15 15.14
N GLY B 67 5.58 -13.27 14.07
CA GLY B 67 5.42 -12.37 12.93
C GLY B 67 4.06 -12.61 12.28
N ILE B 68 3.39 -11.53 11.85
CA ILE B 68 2.10 -11.69 11.17
C ILE B 68 2.27 -11.40 9.66
N ALA B 69 1.25 -11.72 8.87
CA ALA B 69 1.44 -11.80 7.40
C ALA B 69 1.49 -10.44 6.72
N THR B 70 2.37 -10.36 5.72
CA THR B 70 2.43 -9.16 4.87
C THR B 70 2.87 -9.55 3.46
N ILE B 71 2.75 -8.62 2.52
CA ILE B 71 3.16 -8.87 1.14
C ILE B 71 3.94 -7.66 0.62
N PHE B 72 4.88 -7.91 -0.27
CA PHE B 72 5.55 -6.80 -0.97
C PHE B 72 5.74 -7.16 -2.44
N GLN B 73 5.92 -6.13 -3.26
CA GLN B 73 6.04 -6.37 -4.71
C GLN B 73 7.38 -6.98 -5.04
N SER B 74 7.32 -8.06 -5.83
CA SER B 74 8.48 -8.85 -6.18
C SER B 74 8.19 -9.55 -7.51
N PRO B 75 8.65 -8.97 -8.64
CA PRO B 75 8.42 -9.63 -9.95
C PRO B 75 8.83 -11.10 -9.99
N GLY B 76 7.90 -11.94 -10.47
CA GLY B 76 8.13 -13.39 -10.55
C GLY B 76 7.61 -14.19 -9.36
N ASP B 77 7.28 -13.51 -8.25
CA ASP B 77 6.72 -14.22 -7.09
C ASP B 77 5.20 -14.19 -7.17
N GLU B 78 4.52 -15.02 -6.36
CA GLU B 78 3.06 -14.94 -6.31
C GLU B 78 2.54 -15.23 -4.92
N VAL B 79 1.32 -14.74 -4.66
CA VAL B 79 0.61 -14.96 -3.39
C VAL B 79 -0.81 -15.41 -3.73
N TRP B 80 -1.23 -16.52 -3.13
CA TRP B 80 -2.64 -16.97 -3.32
C TRP B 80 -3.48 -16.60 -2.12
N GLY B 81 -4.77 -16.32 -2.35
CA GLY B 81 -5.64 -15.92 -1.25
C GLY B 81 -7.10 -16.24 -1.51
N VAL B 82 -7.94 -15.88 -0.56
CA VAL B 82 -9.41 -15.98 -0.71
C VAL B 82 -10.01 -14.59 -0.84
N VAL B 83 -10.84 -14.39 -1.89
CA VAL B 83 -11.64 -13.17 -2.02
C VAL B 83 -12.95 -13.39 -1.28
N TRP B 84 -13.24 -12.48 -0.35
CA TRP B 84 -14.50 -12.43 0.42
C TRP B 84 -15.36 -11.26 -0.06
N LYS B 85 -16.67 -11.50 -0.17
CA LYS B 85 -17.62 -10.41 -0.46
C LYS B 85 -18.22 -9.89 0.84
N MET B 86 -18.08 -8.58 1.04
CA MET B 86 -18.52 -7.91 2.26
CA MET B 86 -18.54 -7.93 2.26
C MET B 86 -19.44 -6.73 1.96
N ASN B 87 -20.26 -6.36 2.95
CA ASN B 87 -21.09 -5.17 2.82
C ASN B 87 -20.23 -3.93 3.03
N LYS B 88 -20.45 -2.87 2.25
CA LYS B 88 -19.67 -1.63 2.40
C LYS B 88 -19.84 -1.02 3.79
N SER B 89 -20.95 -1.34 4.45
CA SER B 89 -21.19 -0.87 5.81
C SER B 89 -20.17 -1.42 6.80
N ASN B 90 -19.42 -2.42 6.36
CA ASN B 90 -18.40 -3.04 7.20
C ASN B 90 -16.94 -2.70 6.86
N LEU B 91 -16.77 -1.72 5.96
CA LEU B 91 -15.45 -1.20 5.59
C LEU B 91 -14.64 -0.66 6.78
N ASN B 92 -15.27 0.16 7.60
CA ASN B 92 -14.57 0.75 8.73
C ASN B 92 -14.20 -0.27 9.79
N SER B 93 -15.10 -1.23 10.01
CA SER B 93 -14.81 -2.32 10.94
C SER B 93 -13.63 -3.20 10.48
N LEU B 94 -13.63 -3.59 9.22
CA LEU B 94 -12.49 -4.38 8.69
C LEU B 94 -11.17 -3.63 8.85
N ASP B 95 -11.16 -2.35 8.48
CA ASP B 95 -9.99 -1.48 8.64
C ASP B 95 -9.50 -1.46 10.09
N GLU B 96 -10.43 -1.28 11.04
CA GLU B 96 -10.12 -1.27 12.48
C GLU B 96 -9.42 -2.56 12.94
N GLN B 97 -9.99 -3.69 12.55
CA GLN B 97 -9.41 -4.99 12.83
C GLN B 97 -7.95 -5.10 12.39
N GLN B 98 -7.59 -4.45 11.27
CA GLN B 98 -6.23 -4.55 10.71
C GLN B 98 -5.23 -3.53 11.25
N GLY B 99 -5.67 -2.74 12.20
CA GLY B 99 -4.81 -1.78 12.85
C GLY B 99 -4.30 -0.72 11.89
N VAL B 100 -5.16 -0.28 10.97
CA VAL B 100 -4.79 0.79 10.04
C VAL B 100 -4.40 2.14 10.71
N LYS B 101 -5.23 2.65 11.62
CA LYS B 101 -4.90 3.90 12.36
C LYS B 101 -3.61 3.82 13.19
N SER B 102 -3.33 2.64 13.76
CA SER B 102 -2.14 2.40 14.60
C SER B 102 -0.89 2.19 13.77
N GLY B 103 -1.06 2.24 12.45
CA GLY B 103 0.07 2.15 11.55
C GLY B 103 0.54 0.74 11.33
N MET B 104 -0.27 -0.26 11.73
CA MET B 104 0.11 -1.66 11.57
CA MET B 104 0.15 -1.64 11.57
C MET B 104 0.06 -2.07 10.10
N TYR B 105 -1.06 -1.73 9.45
CA TYR B 105 -1.22 -1.99 8.01
C TYR B 105 -1.74 -0.75 7.29
N VAL B 106 -1.50 -0.69 5.98
CA VAL B 106 -2.14 0.32 5.12
C VAL B 106 -3.14 -0.38 4.22
N VAL B 107 -4.23 0.31 3.90
CA VAL B 107 -5.20 -0.19 2.90
C VAL B 107 -4.58 -0.13 1.52
N ILE B 108 -4.69 -1.22 0.78
CA ILE B 108 -4.28 -1.26 -0.63
C ILE B 108 -5.46 -1.66 -1.54
N GLU B 109 -5.27 -1.41 -2.83
CA GLU B 109 -6.14 -1.97 -3.87
C GLU B 109 -5.27 -2.89 -4.72
N VAL B 110 -5.74 -4.10 -4.96
CA VAL B 110 -4.98 -5.06 -5.81
C VAL B 110 -5.91 -5.63 -6.87
N LYS B 111 -5.31 -6.07 -7.98
CA LYS B 111 -6.05 -6.77 -9.04
C LYS B 111 -5.57 -8.20 -9.00
N VAL B 112 -6.49 -9.15 -8.82
CA VAL B 112 -6.11 -10.57 -8.64
C VAL B 112 -6.74 -11.42 -9.73
N ALA B 113 -6.14 -12.56 -10.02
CA ALA B 113 -6.57 -13.41 -11.14
C ALA B 113 -7.31 -14.64 -10.62
N THR B 114 -8.50 -14.89 -11.17
CA THR B 114 -9.30 -16.07 -10.78
C THR B 114 -8.84 -17.26 -11.63
N GLN B 115 -9.25 -18.46 -11.24
CA GLN B 115 -8.88 -19.65 -12.03
C GLN B 115 -9.58 -19.71 -13.40
N GLU B 116 -10.60 -18.88 -13.59
CA GLU B 116 -11.29 -18.74 -14.87
C GLU B 116 -10.62 -17.71 -15.81
N GLY B 117 -9.52 -17.11 -15.35
CA GLY B 117 -8.80 -16.10 -16.13
C GLY B 117 -9.36 -14.71 -16.05
N LYS B 118 -10.20 -14.45 -15.05
CA LYS B 118 -10.80 -13.13 -14.85
C LYS B 118 -9.94 -12.34 -13.89
N GLU B 119 -9.95 -11.01 -14.05
CA GLU B 119 -9.27 -10.12 -13.11
C GLU B 119 -10.34 -9.46 -12.25
N ILE B 120 -10.11 -9.42 -10.95
CA ILE B 120 -11.04 -8.89 -9.96
CA ILE B 120 -11.04 -8.74 -10.07
C ILE B 120 -10.30 -7.80 -9.15
N THR B 121 -10.95 -6.68 -8.88
CA THR B 121 -10.34 -5.60 -8.08
C THR B 121 -10.76 -5.75 -6.62
N CYS B 122 -9.77 -5.82 -5.73
CA CYS B 122 -10.04 -6.09 -4.30
C CYS B 122 -9.39 -5.08 -3.35
N ARG B 123 -10.01 -4.90 -2.21
CA ARG B 123 -9.37 -4.26 -1.07
C ARG B 123 -8.46 -5.27 -0.36
N SER B 124 -7.28 -4.83 0.05
CA SER B 124 -6.44 -5.66 0.92
C SER B 124 -5.60 -4.76 1.84
N TYR B 125 -4.56 -5.34 2.45
CA TYR B 125 -3.77 -4.69 3.49
C TYR B 125 -2.35 -5.15 3.39
N LEU B 126 -1.38 -4.25 3.63
CA LEU B 126 0.01 -4.70 3.82
C LEU B 126 0.76 -3.80 4.79
N MET B 127 1.88 -4.30 5.33
CA MET B 127 2.70 -3.51 6.26
CA MET B 127 2.74 -3.54 6.25
C MET B 127 3.72 -2.65 5.50
N THR B 128 3.90 -1.42 5.96
CA THR B 128 4.87 -0.51 5.32
C THR B 128 6.14 -0.26 6.13
N ASN B 129 6.13 -0.66 7.40
CA ASN B 129 7.26 -0.45 8.28
C ASN B 129 7.31 -1.60 9.26
N TYR B 130 8.17 -2.56 8.96
CA TYR B 130 8.22 -3.79 9.76
C TYR B 130 9.57 -4.46 9.74
N GLU B 131 9.79 -5.34 10.71
CA GLU B 131 10.99 -6.18 10.75
C GLU B 131 10.59 -7.63 10.54
N SER B 132 11.20 -8.33 9.59
CA SER B 132 10.82 -9.70 9.31
CA SER B 132 10.85 -9.72 9.30
C SER B 132 11.07 -10.58 10.53
N ALA B 133 10.13 -11.51 10.78
CA ALA B 133 10.18 -12.44 11.90
C ALA B 133 9.20 -13.58 11.63
N PRO B 134 9.60 -14.83 11.95
CA PRO B 134 8.76 -16.02 11.71
C PRO B 134 7.45 -16.02 12.50
N PRO B 135 6.42 -16.67 11.96
CA PRO B 135 5.13 -16.72 12.65
C PRO B 135 5.11 -17.74 13.79
N SER B 136 4.21 -17.57 14.74
CA SER B 136 4.01 -18.59 15.75
C SER B 136 3.46 -19.87 15.10
N PRO B 137 3.63 -21.01 15.78
CA PRO B 137 2.97 -22.24 15.31
C PRO B 137 1.45 -22.07 15.11
N GLN B 138 0.77 -21.35 16.02
CA GLN B 138 -0.68 -21.20 15.96
C GLN B 138 -1.14 -20.40 14.73
N TYR B 139 -0.42 -19.32 14.46
CA TYR B 139 -0.77 -18.47 13.31
C TYR B 139 -0.52 -19.22 12.01
N LYS B 140 0.64 -19.89 11.90
CA LYS B 140 0.90 -20.76 10.75
C LYS B 140 -0.22 -21.80 10.57
N LYS B 141 -0.64 -22.42 11.66
CA LYS B 141 -1.66 -23.47 11.58
C LYS B 141 -2.99 -22.94 11.04
N ILE B 142 -3.40 -21.76 11.51
CA ILE B 142 -4.67 -21.17 11.10
C ILE B 142 -4.64 -20.85 9.60
N ILE B 143 -3.53 -20.27 9.16
CA ILE B 143 -3.32 -20.03 7.74
C ILE B 143 -3.38 -21.30 6.88
N CYS B 144 -2.69 -22.35 7.31
CA CYS B 144 -2.71 -23.63 6.58
C CYS B 144 -4.13 -24.24 6.57
N MET B 145 -4.82 -24.12 7.69
CA MET B 145 -6.21 -24.60 7.79
C MET B 145 -7.15 -23.93 6.78
N GLY B 146 -7.03 -22.61 6.66
CA GLY B 146 -7.83 -21.81 5.72
C GLY B 146 -7.51 -22.12 4.27
N ALA B 147 -6.22 -22.30 3.98
CA ALA B 147 -5.76 -22.62 2.63
C ALA B 147 -6.31 -23.97 2.20
N LYS B 148 -6.36 -24.93 3.12
CA LYS B 148 -6.88 -26.24 2.79
C LYS B 148 -8.40 -26.19 2.61
N GLU B 149 -9.06 -25.55 3.57
CA GLU B 149 -10.51 -25.46 3.60
C GLU B 149 -11.07 -24.93 2.28
N ASN B 150 -10.42 -23.90 1.74
CA ASN B 150 -10.92 -23.19 0.57
C ASN B 150 -10.22 -23.57 -0.72
N GLY B 151 -9.42 -24.63 -0.66
CA GLY B 151 -8.88 -25.27 -1.85
C GLY B 151 -7.92 -24.40 -2.65
N LEU B 152 -7.01 -23.71 -1.97
CA LEU B 152 -5.91 -23.05 -2.66
C LEU B 152 -5.06 -24.13 -3.34
N PRO B 153 -4.31 -23.75 -4.39
CA PRO B 153 -3.51 -24.78 -5.10
C PRO B 153 -2.61 -25.60 -4.16
N LEU B 154 -2.50 -26.91 -4.42
CA LEU B 154 -1.72 -27.78 -3.55
CA LEU B 154 -1.69 -27.81 -3.59
C LEU B 154 -0.25 -27.32 -3.41
N GLU B 155 0.34 -26.87 -4.51
CA GLU B 155 1.71 -26.34 -4.53
CA GLU B 155 1.71 -26.36 -4.49
C GLU B 155 1.85 -25.20 -3.51
N TYR B 156 0.83 -24.33 -3.46
CA TYR B 156 0.88 -23.19 -2.54
C TYR B 156 0.68 -23.64 -1.10
N GLN B 157 -0.23 -24.60 -0.89
CA GLN B 157 -0.36 -25.24 0.42
C GLN B 157 0.96 -25.83 0.91
N GLU B 158 1.71 -26.48 0.02
CA GLU B 158 3.00 -27.05 0.40
CA GLU B 158 3.01 -27.07 0.38
C GLU B 158 4.02 -25.97 0.78
N LYS B 159 3.98 -24.84 0.08
CA LYS B 159 4.81 -23.68 0.43
C LYS B 159 4.49 -23.20 1.84
N LEU B 160 3.20 -23.05 2.13
CA LEU B 160 2.80 -22.61 3.46
C LEU B 160 3.26 -23.58 4.54
N LYS B 161 3.14 -24.88 4.27
CA LYS B 161 3.51 -25.90 5.24
CA LYS B 161 3.54 -25.95 5.20
C LYS B 161 5.01 -25.88 5.53
N ALA B 162 5.80 -25.40 4.56
CA ALA B 162 7.25 -25.35 4.67
C ALA B 162 7.77 -24.15 5.45
N ILE B 163 6.89 -23.18 5.75
CA ILE B 163 7.32 -21.99 6.51
C ILE B 163 7.84 -22.34 7.91
N GLU B 164 9.08 -21.95 8.20
CA GLU B 164 9.65 -22.23 9.52
C GLU B 164 8.97 -21.31 10.58
N PRO B 165 8.41 -21.90 11.65
CA PRO B 165 7.80 -21.10 12.70
C PRO B 165 8.83 -20.65 13.74
N ASN B 166 8.44 -19.71 14.60
CA ASN B 166 9.27 -19.34 15.75
C ASN B 166 9.18 -20.41 16.87
N ASP B 167 9.87 -20.22 17.99
CA ASP B 167 9.82 -21.25 19.04
C ASP B 167 8.88 -20.89 20.20
N TYR B 168 7.78 -20.20 19.88
CA TYR B 168 6.79 -19.88 20.89
C TYR B 168 6.08 -21.16 21.32
N THR B 169 6.01 -21.39 22.63
CA THR B 169 5.42 -22.62 23.14
C THR B 169 4.28 -22.32 24.11
N GLY B 170 3.92 -21.04 24.21
CA GLY B 170 2.77 -20.61 24.99
C GLY B 170 1.45 -20.80 24.25
N LYS B 171 0.42 -20.12 24.72
CA LYS B 171 -0.91 -20.19 24.12
C LYS B 171 -1.35 -18.87 23.48
N VAL B 172 -2.31 -18.97 22.57
CA VAL B 172 -3.04 -17.80 22.06
C VAL B 172 -4.43 -17.81 22.72
N SER B 173 -5.35 -16.98 22.25
CA SER B 173 -6.69 -16.91 22.84
C SER B 173 -7.38 -18.27 22.86
N GLU B 174 -8.24 -18.48 23.85
CA GLU B 174 -9.07 -19.69 23.91
C GLU B 174 -9.85 -19.91 22.62
N GLU B 175 -10.45 -18.86 22.07
CA GLU B 175 -11.27 -19.04 20.87
C GLU B 175 -10.45 -19.54 19.69
N ILE B 176 -9.22 -19.03 19.56
CA ILE B 176 -8.28 -19.52 18.54
C ILE B 176 -7.76 -20.94 18.80
N GLU B 177 -7.36 -21.22 20.05
CA GLU B 177 -6.92 -22.57 20.43
C GLU B 177 -8.02 -23.61 20.20
N ASP B 178 -9.27 -23.23 20.43
CA ASP B 178 -10.41 -24.14 20.20
C ASP B 178 -10.54 -24.48 18.71
N ILE B 179 -10.38 -23.46 17.85
CA ILE B 179 -10.40 -23.65 16.40
C ILE B 179 -9.31 -24.63 15.94
N ILE B 180 -8.09 -24.45 16.43
CA ILE B 180 -6.98 -25.36 16.12
C ILE B 180 -7.27 -26.81 16.53
N LYS B 181 -7.89 -26.98 17.70
CA LYS B 181 -8.22 -28.32 18.20
C LYS B 181 -9.28 -29.02 17.33
N LYS B 182 -10.37 -28.31 17.03
CA LYS B 182 -11.43 -28.78 16.11
C LYS B 182 -10.88 -29.15 14.72
N GLY B 183 -9.66 -28.71 14.41
CA GLY B 183 -9.03 -28.99 13.12
C GLY B 183 -7.94 -30.03 13.23
C ACT C . 6.05 10.90 -8.36
O ACT C . 6.76 11.88 -8.01
OXT ACT C . 4.81 11.12 -8.43
CH3 ACT C . 6.64 9.55 -8.70
C ACT D . -4.86 -9.74 5.27
O ACT D . -5.85 -8.95 5.33
OXT ACT D . -5.07 -10.90 4.80
CH3 ACT D . -3.51 -9.30 5.75
C ACT E . -4.03 -11.11 9.57
O ACT E . -5.13 -10.75 9.09
OXT ACT E . -3.72 -12.32 9.49
CH3 ACT E . -3.12 -10.14 10.24
#